data_8UJY
#
_entry.id   8UJY
#
_cell.length_a   46.810
_cell.length_b   47.680
_cell.length_c   68.869
_cell.angle_alpha   88.040
_cell.angle_beta   89.270
_cell.angle_gamma   74.660
#
_symmetry.space_group_name_H-M   'P 1'
#
loop_
_entity.id
_entity.type
_entity.pdbx_description
1 polymer 'WD repeat-containing protein 5'
2 non-polymer (9P)-4-[(3,5-dimethoxyphenyl)methyl]-9-(4-fluoro-2-methylphenyl)-7-{[(2E)-2-imino-3-methyl-2,3-dihydro-1H-imidazol-1-yl]methyl}-3,4-dihydro-1,4-benzoxazepin-5(2H)-one
3 water water
#
_entity_poly.entity_id   1
_entity_poly.type   'polypeptide(L)'
_entity_poly.pdbx_seq_one_letter_code
;GTQSKPTPVKPNYALKFTLAGHTKAVSSVKFSPNGEWLASSSADKLIKIWGAYDGKFEKTISGHKLGISDVAWSSDSNLL
VSASDDKTLKIWDVSSGKCLKTLKGHSNYVFCCNFNPQSNLIVSGSFDESVRIWDVKTGKCLKTLPAHSDPVSAVHFNRD
GSLIVSSSYDGLCRIWDTASGQCLKTLIDDDNPPVSFVKFSPNGKYILAATLDNTLKLWDYSKGKCLKTYTGHKNEKYCI
FANFSVTGGKWIVSGSEDNLVYIWNLQTKEIVQKLQGHTDVVISTACHPTENIIASAALENDKTIKLWKSDC
;
_entity_poly.pdbx_strand_id   A,B
#
# COMPACT_ATOMS: atom_id res chain seq x y z
N GLY A 1 -16.80 -25.57 0.13
CA GLY A 1 -16.78 -25.30 1.59
C GLY A 1 -15.80 -24.18 1.89
N THR A 2 -14.88 -24.43 2.83
CA THR A 2 -14.09 -23.34 3.41
C THR A 2 -13.11 -22.78 2.39
N GLN A 3 -12.75 -21.51 2.62
CA GLN A 3 -11.75 -20.79 1.86
C GLN A 3 -10.43 -20.87 2.63
N SER A 4 -9.30 -21.09 1.92
CA SER A 4 -8.03 -21.19 2.61
C SER A 4 -6.92 -20.47 1.85
N LYS A 5 -5.81 -20.28 2.57
CA LYS A 5 -4.65 -19.59 2.04
C LYS A 5 -3.62 -20.62 1.61
N PRO A 6 -3.22 -20.64 0.31
CA PRO A 6 -2.11 -21.49 -0.15
C PRO A 6 -0.83 -20.98 0.49
N THR A 7 0.01 -21.91 0.96
CA THR A 7 1.29 -21.54 1.53
C THR A 7 2.36 -22.43 0.92
N PRO A 8 2.76 -22.15 -0.35
CA PRO A 8 3.74 -22.99 -1.06
C PRO A 8 5.08 -22.97 -0.32
N VAL A 9 5.81 -24.09 -0.29
CA VAL A 9 7.09 -24.08 0.40
C VAL A 9 8.19 -23.65 -0.58
N LYS A 10 7.92 -23.73 -1.90
CA LYS A 10 8.87 -23.32 -2.94
C LYS A 10 8.13 -22.97 -4.25
N PRO A 11 8.66 -22.05 -5.09
CA PRO A 11 8.17 -21.86 -6.46
C PRO A 11 8.79 -22.89 -7.39
N ASN A 12 8.37 -22.87 -8.66
CA ASN A 12 8.82 -23.79 -9.68
C ASN A 12 9.05 -23.04 -10.97
N TYR A 13 9.81 -21.94 -10.85
CA TYR A 13 10.21 -21.13 -12.00
C TYR A 13 10.86 -22.04 -13.03
N ALA A 14 10.39 -21.97 -14.29
CA ALA A 14 10.97 -22.71 -15.40
C ALA A 14 11.19 -21.79 -16.59
N LEU A 15 12.28 -22.02 -17.32
CA LEU A 15 12.64 -21.15 -18.42
C LEU A 15 11.57 -21.25 -19.51
N LYS A 16 11.11 -20.09 -20.04
CA LYS A 16 10.17 -20.06 -21.14
C LYS A 16 10.75 -19.38 -22.38
N PHE A 17 11.47 -18.26 -22.21
CA PHE A 17 12.00 -17.54 -23.36
C PHE A 17 13.39 -17.01 -23.04
N THR A 18 14.25 -17.05 -24.07
CA THR A 18 15.55 -16.42 -24.05
C THR A 18 15.54 -15.36 -25.14
N LEU A 19 15.84 -14.13 -24.72
CA LEU A 19 15.68 -12.93 -25.54
C LEU A 19 17.09 -12.52 -25.95
N ALA A 20 17.38 -12.62 -27.24
CA ALA A 20 18.67 -12.21 -27.76
C ALA A 20 18.49 -10.96 -28.60
N GLY A 21 19.57 -10.19 -28.71
CA GLY A 21 19.62 -9.04 -29.58
C GLY A 21 20.65 -8.00 -29.12
N HIS A 22 20.87 -7.88 -27.81
CA HIS A 22 21.93 -7.01 -27.32
C HIS A 22 23.29 -7.56 -27.77
N THR A 23 24.23 -6.65 -28.06
CA THR A 23 25.52 -7.03 -28.59
C THR A 23 26.63 -6.84 -27.57
N LYS A 24 26.29 -6.32 -26.39
CA LYS A 24 27.22 -6.25 -25.26
C LYS A 24 26.44 -6.65 -24.01
N ALA A 25 27.10 -6.59 -22.86
CA ALA A 25 26.47 -6.94 -21.59
C ALA A 25 25.12 -6.24 -21.46
N VAL A 26 24.17 -6.96 -20.89
CA VAL A 26 22.92 -6.37 -20.49
C VAL A 26 23.16 -5.81 -19.08
N SER A 27 22.64 -4.62 -18.79
CA SER A 27 22.88 -3.94 -17.53
C SER A 27 21.64 -3.94 -16.63
N SER A 28 20.44 -3.94 -17.22
CA SER A 28 19.23 -3.76 -16.44
C SER A 28 18.03 -4.31 -17.21
N VAL A 29 17.10 -4.97 -16.50
CA VAL A 29 15.78 -5.31 -17.02
C VAL A 29 14.70 -4.84 -16.06
N LYS A 30 13.61 -4.28 -16.59
CA LYS A 30 12.48 -3.81 -15.81
C LYS A 30 11.14 -4.06 -16.50
N PHE A 31 10.18 -4.56 -15.77
CA PHE A 31 8.84 -4.75 -16.31
C PHE A 31 8.08 -3.43 -16.18
N SER A 32 7.27 -3.14 -17.20
CA SER A 32 6.41 -1.98 -17.14
C SER A 32 5.41 -2.18 -16.01
N PRO A 33 5.00 -1.11 -15.31
CA PRO A 33 3.93 -1.20 -14.31
C PRO A 33 2.60 -1.83 -14.77
N ASN A 34 2.17 -1.55 -16.02
CA ASN A 34 0.96 -2.17 -16.56
C ASN A 34 1.18 -3.63 -16.96
N GLY A 35 2.42 -4.16 -16.85
CA GLY A 35 2.61 -5.60 -17.00
C GLY A 35 2.81 -6.09 -18.45
N GLU A 36 2.76 -5.16 -19.42
CA GLU A 36 2.70 -5.54 -20.83
C GLU A 36 4.10 -5.71 -21.42
N TRP A 37 5.09 -4.95 -20.88
CA TRP A 37 6.40 -4.87 -21.53
C TRP A 37 7.53 -5.19 -20.56
N LEU A 38 8.68 -5.58 -21.15
CA LEU A 38 9.96 -5.60 -20.49
C LEU A 38 10.89 -4.64 -21.22
N ALA A 39 11.59 -3.79 -20.45
CA ALA A 39 12.65 -2.96 -21.02
C ALA A 39 14.02 -3.47 -20.55
N SER A 40 15.00 -3.42 -21.47
CA SER A 40 16.36 -3.81 -21.19
C SER A 40 17.29 -2.69 -21.62
N SER A 41 18.38 -2.51 -20.86
CA SER A 41 19.44 -1.58 -21.17
C SER A 41 20.72 -2.36 -21.30
N SER A 42 21.73 -1.81 -21.98
CA SER A 42 22.93 -2.55 -22.28
C SER A 42 24.12 -1.61 -22.46
N ALA A 43 25.32 -2.18 -22.33
CA ALA A 43 26.56 -1.51 -22.70
C ALA A 43 26.60 -1.19 -24.20
N ASP A 44 25.73 -1.81 -25.00
CA ASP A 44 25.68 -1.57 -26.44
C ASP A 44 25.02 -0.23 -26.77
N LYS A 45 24.59 0.54 -25.75
CA LYS A 45 24.08 1.89 -25.91
C LYS A 45 22.59 1.90 -26.29
N LEU A 46 21.94 0.76 -26.21
CA LEU A 46 20.55 0.64 -26.64
C LEU A 46 19.65 0.23 -25.48
N ILE A 47 18.41 0.64 -25.61
CA ILE A 47 17.28 0.09 -24.89
C ILE A 47 16.49 -0.79 -25.85
N LYS A 48 16.09 -1.98 -25.40
CA LYS A 48 15.18 -2.82 -26.15
C LYS A 48 13.91 -3.02 -25.34
N ILE A 49 12.77 -3.03 -26.06
CA ILE A 49 11.46 -3.34 -25.48
C ILE A 49 11.01 -4.70 -26.01
N TRP A 50 10.52 -5.54 -25.10
CA TRP A 50 10.09 -6.90 -25.35
C TRP A 50 8.71 -7.09 -24.75
N GLY A 51 7.88 -7.95 -25.34
CA GLY A 51 6.64 -8.37 -24.71
C GLY A 51 6.93 -9.13 -23.41
N ALA A 52 6.25 -8.76 -22.32
CA ALA A 52 6.52 -9.35 -21.01
C ALA A 52 6.10 -10.81 -20.96
N TYR A 53 5.10 -11.18 -21.77
CA TYR A 53 4.49 -12.50 -21.67
C TYR A 53 5.13 -13.46 -22.67
N ASP A 54 5.50 -12.99 -23.88
CA ASP A 54 5.98 -13.91 -24.91
C ASP A 54 7.44 -13.65 -25.31
N GLY A 55 8.08 -12.64 -24.71
CA GLY A 55 9.48 -12.37 -24.99
C GLY A 55 9.70 -11.68 -26.34
N LYS A 56 8.62 -11.35 -27.04
CA LYS A 56 8.75 -10.98 -28.45
C LYS A 56 9.36 -9.59 -28.55
N PHE A 57 10.45 -9.48 -29.33
CA PHE A 57 11.09 -8.21 -29.54
C PHE A 57 10.09 -7.21 -30.12
N GLU A 58 10.07 -5.99 -29.56
CA GLU A 58 9.12 -4.98 -29.96
C GLU A 58 9.84 -3.82 -30.67
N LYS A 59 10.92 -3.28 -30.07
CA LYS A 59 11.64 -2.18 -30.68
C LYS A 59 12.95 -1.90 -29.93
N THR A 60 13.81 -1.17 -30.63
CA THR A 60 15.08 -0.71 -30.11
C THR A 60 14.99 0.80 -30.01
N ILE A 61 15.46 1.35 -28.88
CA ILE A 61 15.48 2.77 -28.65
C ILE A 61 16.95 3.19 -28.52
N SER A 62 17.34 4.20 -29.32
CA SER A 62 18.73 4.56 -29.41
C SER A 62 18.89 6.06 -29.32
N GLY A 63 20.07 6.49 -28.89
CA GLY A 63 20.39 7.91 -28.84
C GLY A 63 21.55 8.21 -27.89
N HIS A 64 21.72 7.40 -26.84
CA HIS A 64 22.87 7.59 -25.96
C HIS A 64 24.15 7.36 -26.72
N LYS A 65 25.19 8.11 -26.36
CA LYS A 65 26.49 8.07 -27.01
C LYS A 65 27.40 7.02 -26.37
N LEU A 66 27.05 6.48 -25.20
CA LEU A 66 27.85 5.43 -24.57
C LEU A 66 26.88 4.47 -23.86
N GLY A 67 27.45 3.52 -23.14
CA GLY A 67 26.68 2.44 -22.54
C GLY A 67 25.64 2.95 -21.55
N ILE A 68 24.60 2.12 -21.34
CA ILE A 68 23.50 2.44 -20.47
C ILE A 68 23.57 1.47 -19.29
N SER A 69 23.54 2.02 -18.06
CA SER A 69 23.55 1.23 -16.84
C SER A 69 22.14 0.87 -16.39
N ASP A 70 21.15 1.73 -16.61
CA ASP A 70 19.88 1.50 -15.92
C ASP A 70 18.77 2.12 -16.74
N VAL A 71 17.57 1.57 -16.53
CA VAL A 71 16.33 2.09 -17.11
C VAL A 71 15.24 1.97 -16.05
N ALA A 72 14.25 2.83 -16.18
CA ALA A 72 13.09 2.75 -15.33
C ALA A 72 11.88 3.30 -16.08
N TRP A 73 10.74 2.77 -15.67
CA TRP A 73 9.44 3.12 -16.24
C TRP A 73 8.74 4.16 -15.39
N SER A 74 8.00 5.04 -16.05
CA SER A 74 7.01 5.89 -15.41
C SER A 74 5.84 5.05 -14.94
N SER A 75 5.09 5.58 -13.98
CA SER A 75 3.97 4.87 -13.39
C SER A 75 2.91 4.49 -14.43
N ASP A 76 2.74 5.31 -15.46
CA ASP A 76 1.70 5.08 -16.46
C ASP A 76 2.22 4.23 -17.63
N SER A 77 3.45 3.73 -17.50
CA SER A 77 4.10 2.88 -18.50
C SER A 77 4.30 3.58 -19.84
N ASN A 78 4.18 4.92 -19.94
CA ASN A 78 4.32 5.58 -21.22
C ASN A 78 5.73 6.11 -21.45
N LEU A 79 6.49 6.29 -20.36
CA LEU A 79 7.82 6.90 -20.46
C LEU A 79 8.88 5.97 -19.86
N LEU A 80 10.11 6.11 -20.34
CA LEU A 80 11.30 5.48 -19.79
C LEU A 80 12.31 6.57 -19.45
N VAL A 81 13.11 6.32 -18.41
CA VAL A 81 14.29 7.11 -18.18
C VAL A 81 15.48 6.15 -18.17
N SER A 82 16.61 6.64 -18.71
CA SER A 82 17.80 5.84 -18.88
C SER A 82 18.99 6.59 -18.27
N ALA A 83 19.91 5.83 -17.69
CA ALA A 83 21.14 6.36 -17.11
C ALA A 83 22.34 5.84 -17.87
N SER A 84 23.24 6.74 -18.30
CA SER A 84 24.31 6.44 -19.23
C SER A 84 25.68 6.95 -18.78
N ASP A 85 26.69 6.23 -19.25
CA ASP A 85 28.09 6.62 -19.13
C ASP A 85 28.37 7.90 -19.89
N ASP A 86 27.46 8.33 -20.77
CA ASP A 86 27.60 9.62 -21.44
C ASP A 86 27.32 10.79 -20.49
N LYS A 87 27.03 10.50 -19.21
CA LYS A 87 26.88 11.49 -18.16
C LYS A 87 25.46 12.08 -18.14
N THR A 88 24.57 11.55 -18.99
CA THR A 88 23.24 12.11 -19.11
C THR A 88 22.23 11.05 -18.73
N LEU A 89 21.02 11.52 -18.42
CA LEU A 89 19.86 10.66 -18.48
C LEU A 89 19.05 11.10 -19.68
N LYS A 90 18.24 10.16 -20.20
CA LYS A 90 17.33 10.50 -21.26
C LYS A 90 15.95 10.01 -20.87
N ILE A 91 14.97 10.86 -21.15
CA ILE A 91 13.56 10.52 -20.96
C ILE A 91 12.98 10.20 -22.33
N TRP A 92 12.33 9.04 -22.46
CA TRP A 92 11.87 8.54 -23.74
C TRP A 92 10.36 8.36 -23.74
N ASP A 93 9.75 8.66 -24.88
CA ASP A 93 8.37 8.27 -25.18
C ASP A 93 8.44 6.87 -25.76
N VAL A 94 7.87 5.91 -25.03
CA VAL A 94 8.06 4.51 -25.38
C VAL A 94 7.33 4.21 -26.68
N SER A 95 6.12 4.76 -26.83
CA SER A 95 5.31 4.65 -28.05
C SER A 95 6.11 5.06 -29.29
N SER A 96 6.66 6.28 -29.30
CA SER A 96 7.31 6.80 -30.48
C SER A 96 8.77 6.36 -30.55
N GLY A 97 9.34 5.98 -29.40
CA GLY A 97 10.75 5.58 -29.33
C GLY A 97 11.69 6.78 -29.32
N LYS A 98 11.14 7.99 -29.23
CA LYS A 98 11.94 9.20 -29.35
C LYS A 98 12.31 9.75 -27.98
N CYS A 99 13.45 10.45 -27.94
CA CYS A 99 13.94 11.12 -26.75
C CYS A 99 13.19 12.43 -26.50
N LEU A 100 12.56 12.57 -25.33
CA LEU A 100 11.82 13.77 -24.98
C LEU A 100 12.76 14.80 -24.36
N LYS A 101 13.68 14.34 -23.51
CA LYS A 101 14.55 15.25 -22.79
C LYS A 101 15.90 14.56 -22.57
N THR A 102 16.95 15.37 -22.49
CA THR A 102 18.26 14.91 -22.03
C THR A 102 18.58 15.65 -20.74
N LEU A 103 18.82 14.89 -19.64
CA LEU A 103 19.07 15.45 -18.33
C LEU A 103 20.58 15.55 -18.10
N LYS A 104 21.05 16.80 -18.12
CA LYS A 104 22.45 17.16 -18.07
C LYS A 104 22.78 17.82 -16.74
N GLY A 105 23.89 17.45 -16.15
CA GLY A 105 24.25 17.94 -14.83
C GLY A 105 25.31 17.07 -14.17
N HIS A 106 25.15 15.74 -14.23
CA HIS A 106 26.14 14.88 -13.61
C HIS A 106 27.47 15.11 -14.33
N SER A 107 28.57 14.95 -13.58
CA SER A 107 29.91 15.18 -14.10
C SER A 107 30.67 13.86 -14.25
N ASN A 108 29.95 12.74 -14.17
CA ASN A 108 30.55 11.44 -14.44
C ASN A 108 29.41 10.48 -14.80
N TYR A 109 29.73 9.20 -14.99
CA TYR A 109 28.74 8.22 -15.45
C TYR A 109 27.50 8.25 -14.57
N VAL A 110 26.30 8.15 -15.16
CA VAL A 110 25.09 8.00 -14.39
C VAL A 110 24.80 6.51 -14.26
N PHE A 111 24.66 6.01 -13.01
CA PHE A 111 24.62 4.59 -12.78
C PHE A 111 23.20 4.07 -12.55
N CYS A 112 22.34 4.87 -11.91
CA CYS A 112 21.05 4.37 -11.46
C CYS A 112 20.00 5.48 -11.56
N CYS A 113 18.73 5.08 -11.82
CA CYS A 113 17.66 6.05 -11.97
C CYS A 113 16.31 5.45 -11.60
N ASN A 114 15.35 6.33 -11.29
CA ASN A 114 13.98 5.94 -10.97
C ASN A 114 13.06 7.14 -11.03
N PHE A 115 11.83 6.91 -11.46
CA PHE A 115 10.76 7.87 -11.30
C PHE A 115 10.14 7.66 -9.92
N ASN A 116 9.54 8.74 -9.38
CA ASN A 116 8.73 8.63 -8.19
C ASN A 116 7.36 8.09 -8.63
N PRO A 117 6.51 7.62 -7.69
CA PRO A 117 5.18 7.12 -8.05
C PRO A 117 4.33 8.06 -8.87
N GLN A 118 4.36 9.35 -8.57
CA GLN A 118 3.61 10.35 -9.31
C GLN A 118 4.24 10.58 -10.70
N SER A 119 5.54 10.28 -10.82
CA SER A 119 6.30 10.36 -12.06
C SER A 119 6.42 11.80 -12.55
N ASN A 120 6.36 12.76 -11.62
CA ASN A 120 6.72 14.14 -11.92
C ASN A 120 8.22 14.34 -11.65
N LEU A 121 8.86 13.39 -10.96
CA LEU A 121 10.26 13.50 -10.62
C LEU A 121 11.02 12.27 -11.07
N ILE A 122 12.29 12.49 -11.37
CA ILE A 122 13.27 11.43 -11.50
C ILE A 122 14.39 11.63 -10.49
N VAL A 123 14.85 10.52 -9.92
CA VAL A 123 16.06 10.52 -9.11
C VAL A 123 17.16 9.75 -9.84
N SER A 124 18.37 10.30 -9.72
CA SER A 124 19.57 9.67 -10.27
C SER A 124 20.72 9.58 -9.28
N GLY A 125 21.55 8.56 -9.45
CA GLY A 125 22.81 8.38 -8.74
C GLY A 125 23.95 8.18 -9.73
N SER A 126 25.13 8.73 -9.41
CA SER A 126 26.22 8.86 -10.36
C SER A 126 27.56 8.47 -9.73
N PHE A 127 28.52 8.14 -10.59
CA PHE A 127 29.91 7.96 -10.20
C PHE A 127 30.47 9.26 -9.63
N ASP A 128 29.80 10.40 -9.85
CA ASP A 128 30.21 11.70 -9.35
C ASP A 128 29.89 11.82 -7.86
N GLU A 129 29.26 10.81 -7.28
CA GLU A 129 29.08 10.69 -5.83
C GLU A 129 27.82 11.44 -5.38
N SER A 130 27.06 11.96 -6.34
CA SER A 130 25.87 12.75 -6.04
C SER A 130 24.61 11.99 -6.43
N VAL A 131 23.51 12.41 -5.80
CA VAL A 131 22.17 12.07 -6.18
C VAL A 131 21.51 13.34 -6.69
N ARG A 132 20.87 13.26 -7.84
CA ARG A 132 20.17 14.43 -8.37
C ARG A 132 18.68 14.12 -8.46
N ILE A 133 17.90 15.17 -8.28
CA ILE A 133 16.45 15.11 -8.42
C ILE A 133 16.04 16.06 -9.55
N TRP A 134 15.32 15.47 -10.52
CA TRP A 134 15.02 16.15 -11.75
C TRP A 134 13.50 16.28 -11.91
N ASP A 135 13.14 17.36 -12.61
CA ASP A 135 11.77 17.64 -12.99
C ASP A 135 11.51 16.97 -14.34
N VAL A 136 10.56 16.05 -14.35
CA VAL A 136 10.24 15.34 -15.56
C VAL A 136 9.78 16.31 -16.65
N LYS A 137 8.94 17.30 -16.32
CA LYS A 137 8.27 18.10 -17.34
C LYS A 137 9.26 19.07 -18.00
N THR A 138 10.23 19.63 -17.24
CA THR A 138 11.16 20.61 -17.80
C THR A 138 12.51 19.97 -18.12
N GLY A 139 12.85 18.84 -17.47
CA GLY A 139 14.18 18.28 -17.61
C GLY A 139 15.27 19.04 -16.84
N LYS A 140 14.90 19.98 -15.97
CA LYS A 140 15.91 20.72 -15.21
C LYS A 140 16.16 19.97 -13.91
N CYS A 141 17.42 20.03 -13.47
CA CYS A 141 17.81 19.51 -12.18
C CYS A 141 17.26 20.42 -11.10
N LEU A 142 16.41 19.85 -10.23
CA LEU A 142 15.85 20.60 -9.09
C LEU A 142 16.79 20.61 -7.90
N LYS A 143 17.44 19.49 -7.58
CA LYS A 143 18.30 19.41 -6.41
C LYS A 143 19.51 18.52 -6.69
N THR A 144 20.68 18.88 -6.13
CA THR A 144 21.84 18.02 -6.13
C THR A 144 22.19 17.66 -4.69
N LEU A 145 22.08 16.39 -4.33
CA LEU A 145 22.44 15.94 -3.00
C LEU A 145 23.90 15.51 -3.00
N PRO A 146 24.77 16.06 -2.13
CA PRO A 146 26.13 15.54 -2.00
C PRO A 146 26.06 14.27 -1.15
N ALA A 147 25.62 13.16 -1.75
CA ALA A 147 25.01 12.07 -0.99
C ALA A 147 26.06 11.17 -0.37
N HIS A 148 27.21 11.03 -1.03
CA HIS A 148 28.12 9.95 -0.75
C HIS A 148 29.56 10.38 -1.07
N SER A 149 30.52 9.60 -0.58
CA SER A 149 31.95 9.79 -0.84
C SER A 149 32.52 8.73 -1.78
N ASP A 150 31.66 8.07 -2.57
CA ASP A 150 32.07 7.16 -3.63
C ASP A 150 30.89 6.98 -4.57
N PRO A 151 31.02 6.27 -5.71
CA PRO A 151 29.90 6.12 -6.63
C PRO A 151 28.61 5.64 -5.96
N VAL A 152 27.48 6.16 -6.48
CA VAL A 152 26.17 5.80 -5.96
C VAL A 152 25.66 4.58 -6.73
N SER A 153 25.31 3.52 -6.00
CA SER A 153 25.01 2.21 -6.58
C SER A 153 23.51 2.05 -6.88
N ALA A 154 22.66 2.76 -6.14
CA ALA A 154 21.22 2.64 -6.30
C ALA A 154 20.52 3.84 -5.70
N VAL A 155 19.36 4.17 -6.28
CA VAL A 155 18.45 5.19 -5.77
C VAL A 155 17.04 4.68 -5.97
N HIS A 156 16.16 4.92 -5.00
CA HIS A 156 14.80 4.40 -5.06
C HIS A 156 13.89 5.28 -4.21
N PHE A 157 12.70 5.56 -4.76
CA PHE A 157 11.66 6.30 -4.07
C PHE A 157 10.77 5.33 -3.30
N ASN A 158 10.21 5.81 -2.18
CA ASN A 158 9.21 5.06 -1.43
C ASN A 158 7.85 5.26 -2.11
N ARG A 159 6.78 4.74 -1.48
CA ARG A 159 5.53 4.49 -2.18
C ARG A 159 4.76 5.80 -2.36
N ASP A 160 5.11 6.86 -1.61
CA ASP A 160 4.47 8.15 -1.81
C ASP A 160 5.46 9.19 -2.33
N GLY A 161 6.68 8.78 -2.64
CA GLY A 161 7.65 9.72 -3.19
C GLY A 161 8.28 10.65 -2.16
N SER A 162 7.95 10.51 -0.87
CA SER A 162 8.43 11.47 0.12
C SER A 162 9.88 11.19 0.52
N LEU A 163 10.32 9.92 0.39
CA LEU A 163 11.65 9.52 0.75
C LEU A 163 12.41 8.96 -0.47
N ILE A 164 13.74 9.17 -0.49
CA ILE A 164 14.67 8.51 -1.39
C ILE A 164 15.64 7.69 -0.56
N VAL A 165 15.94 6.45 -0.96
CA VAL A 165 17.02 5.69 -0.35
C VAL A 165 18.15 5.58 -1.38
N SER A 166 19.39 5.81 -0.92
CA SER A 166 20.59 5.69 -1.73
C SER A 166 21.58 4.75 -1.07
N SER A 167 22.44 4.13 -1.90
CA SER A 167 23.52 3.28 -1.46
C SER A 167 24.75 3.64 -2.24
N SER A 168 25.91 3.19 -1.75
CA SER A 168 27.18 3.61 -2.29
C SER A 168 28.28 2.64 -1.88
N TYR A 169 29.32 2.60 -2.69
CA TYR A 169 30.57 1.92 -2.40
C TYR A 169 31.27 2.48 -1.14
N ASP A 170 30.86 3.66 -0.66
CA ASP A 170 31.40 4.25 0.55
C ASP A 170 30.98 3.44 1.78
N GLY A 171 30.00 2.55 1.63
CA GLY A 171 29.59 1.65 2.68
C GLY A 171 28.30 2.09 3.37
N LEU A 172 27.69 3.19 2.90
CA LEU A 172 26.54 3.76 3.56
C LEU A 172 25.24 3.51 2.76
N CYS A 173 24.12 3.35 3.48
CA CYS A 173 22.82 3.68 2.92
C CYS A 173 22.26 4.89 3.64
N ARG A 174 21.66 5.79 2.87
CA ARG A 174 21.05 6.99 3.42
C ARG A 174 19.61 7.11 2.96
N ILE A 175 18.75 7.62 3.85
CA ILE A 175 17.37 7.99 3.53
C ILE A 175 17.31 9.50 3.48
N TRP A 176 16.72 10.00 2.40
CA TRP A 176 16.60 11.44 2.15
C TRP A 176 15.15 11.86 2.10
N ASP A 177 14.88 13.08 2.61
CA ASP A 177 13.61 13.76 2.43
C ASP A 177 13.55 14.42 1.06
N THR A 178 12.59 13.95 0.22
CA THR A 178 12.56 14.42 -1.17
C THR A 178 12.40 15.94 -1.22
N ALA A 179 11.53 16.46 -0.36
CA ALA A 179 11.10 17.85 -0.45
C ALA A 179 12.26 18.82 -0.14
N SER A 180 13.07 18.45 0.86
CA SER A 180 14.11 19.35 1.33
C SER A 180 15.49 18.93 0.86
N GLY A 181 15.64 17.65 0.53
CA GLY A 181 16.95 17.11 0.15
C GLY A 181 17.84 16.77 1.34
N GLN A 182 17.28 16.84 2.54
CA GLN A 182 18.07 16.65 3.74
C GLN A 182 18.06 15.17 4.12
N CYS A 183 19.19 14.75 4.67
CA CYS A 183 19.36 13.38 5.11
C CYS A 183 18.46 13.17 6.32
N LEU A 184 17.79 12.02 6.37
CA LEU A 184 16.94 11.67 7.48
C LEU A 184 17.62 10.59 8.33
N LYS A 185 18.39 9.71 7.74
CA LYS A 185 19.00 8.62 8.47
C LYS A 185 20.16 8.11 7.63
N THR A 186 21.24 7.70 8.32
CA THR A 186 22.31 6.93 7.73
C THR A 186 22.38 5.56 8.40
N LEU A 187 22.44 4.47 7.62
CA LEU A 187 22.81 3.16 8.15
C LEU A 187 24.30 2.88 7.93
N ILE A 188 25.08 2.99 9.03
CA ILE A 188 26.49 2.65 9.08
C ILE A 188 26.64 1.45 10.03
N ASP A 191 31.68 -1.48 10.83
CA ASP A 191 31.84 -2.24 9.56
C ASP A 191 31.17 -1.46 8.44
N ASN A 192 31.71 -1.57 7.21
CA ASN A 192 31.08 -0.97 6.05
C ASN A 192 31.68 -1.52 4.76
N PRO A 193 31.27 -2.73 4.32
CA PRO A 193 31.54 -3.19 2.95
C PRO A 193 30.75 -2.34 1.95
N PRO A 194 31.22 -2.20 0.70
CA PRO A 194 30.41 -1.53 -0.34
C PRO A 194 28.95 -1.99 -0.35
N VAL A 195 28.01 -1.04 -0.31
CA VAL A 195 26.60 -1.33 -0.49
C VAL A 195 26.29 -1.21 -1.98
N SER A 196 25.94 -2.34 -2.58
CA SER A 196 25.87 -2.51 -4.02
C SER A 196 24.45 -2.31 -4.54
N PHE A 197 23.45 -2.32 -3.66
CA PHE A 197 22.08 -2.18 -4.09
C PHE A 197 21.19 -1.90 -2.90
N VAL A 198 20.14 -1.10 -3.12
CA VAL A 198 19.14 -0.86 -2.09
C VAL A 198 17.80 -0.53 -2.73
N LYS A 199 16.72 -0.97 -2.08
CA LYS A 199 15.41 -0.48 -2.41
C LYS A 199 14.43 -0.64 -1.25
N PHE A 200 13.35 0.13 -1.30
CA PHE A 200 12.29 0.04 -0.32
C PHE A 200 11.47 -1.21 -0.54
N SER A 201 11.00 -1.79 0.58
CA SER A 201 10.02 -2.86 0.57
C SER A 201 8.69 -2.32 0.05
N PRO A 202 7.80 -3.22 -0.44
CA PRO A 202 6.47 -2.81 -0.89
C PRO A 202 5.61 -2.13 0.18
N ASN A 203 5.87 -2.36 1.48
CA ASN A 203 5.11 -1.67 2.53
C ASN A 203 5.76 -0.35 2.96
N GLY A 204 7.00 -0.05 2.54
CA GLY A 204 7.64 1.22 2.79
C GLY A 204 8.47 1.21 4.08
N LYS A 205 8.37 0.12 4.84
CA LYS A 205 8.89 0.04 6.20
C LYS A 205 10.35 -0.44 6.19
N TYR A 206 10.70 -1.24 5.19
CA TYR A 206 12.00 -1.87 5.15
C TYR A 206 12.76 -1.37 3.94
N ILE A 207 14.07 -1.57 3.96
CA ILE A 207 14.90 -1.52 2.77
C ILE A 207 15.65 -2.84 2.64
N LEU A 208 15.71 -3.36 1.42
CA LEU A 208 16.55 -4.50 1.09
C LEU A 208 17.88 -4.00 0.54
N ALA A 209 18.98 -4.47 1.08
CA ALA A 209 20.26 -3.88 0.78
C ALA A 209 21.28 -4.98 0.54
N ALA A 210 22.01 -4.86 -0.57
CA ALA A 210 23.05 -5.81 -0.89
C ALA A 210 24.39 -5.19 -0.53
N THR A 211 25.29 -6.00 0.05
CA THR A 211 26.67 -5.58 0.25
C THR A 211 27.57 -6.58 -0.47
N LEU A 212 28.78 -6.12 -0.83
CA LEU A 212 29.70 -6.92 -1.63
C LEU A 212 30.44 -7.92 -0.75
N ASP A 213 29.74 -8.50 0.21
CA ASP A 213 30.25 -9.57 1.07
C ASP A 213 29.28 -10.75 1.00
N ASN A 214 28.64 -10.92 -0.16
CA ASN A 214 27.81 -12.07 -0.44
C ASN A 214 26.57 -12.06 0.48
N THR A 215 26.07 -10.86 0.78
CA THR A 215 25.02 -10.70 1.78
C THR A 215 23.92 -9.76 1.29
N LEU A 216 22.67 -10.23 1.42
CA LEU A 216 21.49 -9.41 1.33
C LEU A 216 20.88 -9.26 2.72
N LYS A 217 20.39 -8.06 3.06
CA LYS A 217 19.81 -7.78 4.37
C LYS A 217 18.52 -6.98 4.23
N LEU A 218 17.47 -7.40 4.95
CA LEU A 218 16.24 -6.64 5.08
C LEU A 218 16.31 -5.83 6.38
N TRP A 219 16.29 -4.50 6.26
CA TRP A 219 16.40 -3.61 7.41
C TRP A 219 15.07 -2.92 7.68
N ASP A 220 14.63 -2.92 8.93
CA ASP A 220 13.68 -1.90 9.38
C ASP A 220 14.49 -0.65 9.68
N TYR A 221 14.24 0.43 8.92
CA TYR A 221 15.16 1.55 8.91
C TYR A 221 14.77 2.62 9.94
N SER A 222 13.49 2.62 10.39
CA SER A 222 13.07 3.43 11.53
C SER A 222 13.72 2.95 12.83
N LYS A 223 13.87 1.63 12.97
CA LYS A 223 14.50 1.03 14.13
C LYS A 223 15.96 0.66 13.87
N GLY A 224 16.46 0.84 12.63
CA GLY A 224 17.79 0.41 12.25
C GLY A 224 18.14 -0.99 12.78
N LYS A 225 17.21 -1.95 12.60
CA LYS A 225 17.45 -3.32 13.01
C LYS A 225 17.27 -4.22 11.79
N CYS A 226 18.29 -5.06 11.59
CA CYS A 226 18.26 -6.03 10.50
C CYS A 226 17.32 -7.15 10.91
N LEU A 227 16.29 -7.39 10.09
CA LEU A 227 15.28 -8.38 10.42
C LEU A 227 15.62 -9.73 9.81
N LYS A 228 16.23 -9.73 8.62
CA LYS A 228 16.45 -10.94 7.86
C LYS A 228 17.75 -10.81 7.08
N THR A 229 18.40 -11.96 6.83
CA THR A 229 19.64 -12.00 6.08
C THR A 229 19.58 -13.17 5.13
N TYR A 230 19.96 -12.93 3.87
CA TYR A 230 19.96 -13.95 2.84
C TYR A 230 21.38 -14.08 2.31
N THR A 231 21.91 -15.32 2.33
CA THR A 231 23.25 -15.60 1.84
C THR A 231 23.21 -16.93 1.12
N GLY A 232 24.37 -17.37 0.61
CA GLY A 232 24.47 -18.60 -0.16
C GLY A 232 24.78 -18.32 -1.63
N HIS A 233 24.58 -17.06 -2.05
CA HIS A 233 24.87 -16.62 -3.41
C HIS A 233 26.26 -15.99 -3.44
N LYS A 234 26.71 -15.59 -4.65
CA LYS A 234 28.01 -14.95 -4.81
C LYS A 234 27.82 -13.52 -5.29
N ASN A 235 28.34 -12.59 -4.48
CA ASN A 235 28.31 -11.18 -4.83
C ASN A 235 29.42 -10.44 -4.11
N GLU A 236 30.59 -10.31 -4.78
CA GLU A 236 31.70 -9.54 -4.23
C GLU A 236 32.22 -8.48 -5.19
N LYS A 237 31.64 -8.34 -6.39
CA LYS A 237 32.22 -7.46 -7.41
C LYS A 237 31.15 -6.54 -8.00
N TYR A 238 29.99 -7.07 -8.36
CA TYR A 238 29.06 -6.32 -9.18
C TYR A 238 27.88 -5.80 -8.35
N CYS A 239 27.31 -4.73 -8.86
CA CYS A 239 26.07 -4.19 -8.35
C CYS A 239 24.92 -4.96 -8.97
N ILE A 240 24.38 -5.90 -8.20
CA ILE A 240 23.35 -6.81 -8.67
C ILE A 240 22.03 -6.39 -8.06
N PHE A 241 21.01 -6.27 -8.91
CA PHE A 241 19.68 -5.91 -8.44
C PHE A 241 19.11 -7.05 -7.60
N ALA A 242 18.25 -6.69 -6.64
CA ALA A 242 17.48 -7.66 -5.91
C ALA A 242 16.02 -7.20 -5.87
N ASN A 243 15.09 -8.15 -5.69
CA ASN A 243 13.67 -7.88 -5.78
C ASN A 243 12.91 -8.58 -4.64
N PHE A 244 11.77 -8.00 -4.29
CA PHE A 244 10.70 -8.71 -3.59
C PHE A 244 9.77 -9.29 -4.64
N SER A 245 9.48 -10.58 -4.55
CA SER A 245 8.44 -11.18 -5.37
C SER A 245 7.18 -11.31 -4.52
N VAL A 246 6.08 -10.69 -4.98
CA VAL A 246 4.90 -10.57 -4.14
C VAL A 246 3.63 -11.13 -4.77
N THR A 247 3.72 -11.66 -5.99
CA THR A 247 2.54 -12.05 -6.73
C THR A 247 2.07 -13.42 -6.25
N GLY A 248 2.99 -14.31 -5.88
CA GLY A 248 2.61 -15.62 -5.35
C GLY A 248 3.06 -15.80 -3.92
N GLY A 249 4.03 -16.71 -3.70
CA GLY A 249 4.71 -16.79 -2.41
C GLY A 249 5.57 -15.55 -2.20
N LYS A 250 5.92 -15.25 -0.95
CA LYS A 250 6.73 -14.08 -0.68
C LYS A 250 8.21 -14.47 -0.71
N TRP A 251 8.91 -14.14 -1.81
CA TRP A 251 10.30 -14.51 -1.98
C TRP A 251 11.17 -13.27 -2.13
N ILE A 252 12.48 -13.49 -2.00
CA ILE A 252 13.53 -12.56 -2.34
C ILE A 252 14.28 -13.16 -3.52
N VAL A 253 14.52 -12.33 -4.54
CA VAL A 253 15.17 -12.75 -5.76
C VAL A 253 16.42 -11.90 -5.93
N SER A 254 17.53 -12.56 -6.30
CA SER A 254 18.74 -11.87 -6.70
C SER A 254 19.48 -12.72 -7.74
N GLY A 255 20.18 -12.02 -8.64
CA GLY A 255 21.23 -12.60 -9.43
C GLY A 255 22.46 -12.87 -8.57
N SER A 256 23.47 -13.46 -9.23
CA SER A 256 24.66 -13.95 -8.57
C SER A 256 25.80 -14.10 -9.59
N GLU A 257 27.02 -14.02 -9.07
CA GLU A 257 28.24 -14.07 -9.85
C GLU A 257 28.60 -15.52 -10.20
N ASP A 258 27.74 -16.47 -9.79
CA ASP A 258 27.91 -17.86 -10.16
C ASP A 258 26.90 -18.19 -11.26
N ASN A 259 26.27 -17.16 -11.85
CA ASN A 259 25.48 -17.29 -13.07
C ASN A 259 24.08 -17.84 -12.81
N LEU A 260 23.65 -17.87 -11.55
CA LEU A 260 22.33 -18.38 -11.19
C LEU A 260 21.47 -17.23 -10.69
N VAL A 261 20.15 -17.43 -10.80
CA VAL A 261 19.19 -16.59 -10.09
C VAL A 261 18.86 -17.31 -8.77
N TYR A 262 19.01 -16.61 -7.64
CA TYR A 262 18.67 -17.15 -6.34
C TYR A 262 17.28 -16.66 -5.91
N ILE A 263 16.51 -17.59 -5.32
CA ILE A 263 15.22 -17.27 -4.73
C ILE A 263 15.21 -17.80 -3.31
N TRP A 264 14.86 -16.92 -2.36
CA TRP A 264 14.78 -17.21 -0.96
C TRP A 264 13.34 -17.04 -0.46
N ASN A 265 12.96 -17.87 0.51
CA ASN A 265 11.81 -17.58 1.36
C ASN A 265 12.15 -16.36 2.19
N LEU A 266 11.33 -15.31 2.03
CA LEU A 266 11.55 -14.05 2.72
C LEU A 266 11.62 -14.28 4.22
N GLN A 267 10.70 -15.09 4.76
CA GLN A 267 10.54 -15.20 6.20
C GLN A 267 11.56 -16.17 6.79
N THR A 268 11.71 -17.37 6.21
CA THR A 268 12.61 -18.37 6.78
C THR A 268 14.06 -18.05 6.42
N LYS A 269 14.26 -17.41 5.26
CA LYS A 269 15.58 -17.01 4.79
C LYS A 269 16.31 -18.15 4.11
N GLU A 270 15.61 -19.25 3.85
CA GLU A 270 16.19 -20.40 3.17
C GLU A 270 16.06 -20.22 1.67
N ILE A 271 16.96 -20.85 0.91
CA ILE A 271 16.90 -20.89 -0.54
C ILE A 271 15.82 -21.89 -0.94
N VAL A 272 14.93 -21.48 -1.83
CA VAL A 272 13.87 -22.36 -2.30
C VAL A 272 14.09 -22.72 -3.77
N GLN A 273 14.85 -21.91 -4.51
CA GLN A 273 15.17 -22.26 -5.89
C GLN A 273 16.43 -21.52 -6.36
N LYS A 274 17.14 -22.17 -7.29
CA LYS A 274 18.22 -21.56 -8.03
C LYS A 274 17.99 -21.86 -9.50
N LEU A 275 17.99 -20.81 -10.34
CA LEU A 275 17.61 -20.95 -11.73
C LEU A 275 18.89 -20.99 -12.56
N GLN A 276 19.09 -22.11 -13.26
CA GLN A 276 20.29 -22.31 -14.05
C GLN A 276 19.98 -22.11 -15.52
N GLY A 277 20.92 -21.50 -16.25
CA GLY A 277 20.75 -21.25 -17.66
C GLY A 277 21.74 -20.20 -18.18
N HIS A 278 22.00 -19.13 -17.39
CA HIS A 278 22.89 -18.07 -17.86
C HIS A 278 24.31 -18.60 -17.89
N THR A 279 25.15 -17.99 -18.74
CA THR A 279 26.55 -18.36 -18.86
C THR A 279 27.44 -17.18 -18.47
N ASP A 280 26.90 -16.23 -17.69
CA ASP A 280 27.72 -15.17 -17.11
C ASP A 280 26.94 -14.61 -15.92
N VAL A 281 27.56 -13.66 -15.24
CA VAL A 281 27.01 -13.04 -14.06
C VAL A 281 25.60 -12.56 -14.35
N VAL A 282 24.67 -12.92 -13.47
CA VAL A 282 23.32 -12.44 -13.55
C VAL A 282 23.26 -11.10 -12.82
N ILE A 283 23.33 -10.03 -13.61
CA ILE A 283 23.51 -8.68 -13.09
C ILE A 283 22.16 -8.11 -12.68
N SER A 284 21.07 -8.53 -13.31
CA SER A 284 19.79 -7.90 -13.09
C SER A 284 18.69 -8.97 -13.09
N THR A 285 17.73 -8.79 -12.19
CA THR A 285 16.50 -9.55 -12.16
C THR A 285 15.35 -8.59 -11.91
N ALA A 286 14.16 -8.98 -12.37
CA ALA A 286 12.95 -8.21 -12.20
C ALA A 286 11.77 -9.15 -12.00
N CYS A 287 10.79 -8.71 -11.22
CA CYS A 287 9.59 -9.53 -10.97
C CYS A 287 8.36 -8.87 -11.59
N HIS A 288 7.60 -9.62 -12.41
CA HIS A 288 6.40 -9.12 -13.07
C HIS A 288 5.43 -8.59 -12.02
N PRO A 289 4.74 -7.45 -12.27
CA PRO A 289 3.88 -6.87 -11.25
C PRO A 289 2.61 -7.64 -10.89
N THR A 290 2.11 -8.53 -11.77
CA THR A 290 0.85 -9.21 -11.40
C THR A 290 0.94 -10.72 -11.53
N GLU A 291 1.84 -11.22 -12.39
CA GLU A 291 2.01 -12.66 -12.60
C GLU A 291 3.34 -13.10 -11.98
N ASN A 292 3.46 -14.42 -11.81
CA ASN A 292 4.67 -15.06 -11.34
C ASN A 292 5.63 -15.25 -12.51
N ILE A 293 6.32 -14.16 -12.86
CA ILE A 293 7.26 -14.15 -13.99
C ILE A 293 8.50 -13.41 -13.53
N ILE A 294 9.68 -14.04 -13.70
CA ILE A 294 10.97 -13.42 -13.46
C ILE A 294 11.68 -13.16 -14.80
N ALA A 295 12.24 -11.94 -14.95
CA ALA A 295 13.22 -11.65 -15.99
C ALA A 295 14.59 -11.63 -15.34
N SER A 296 15.57 -12.20 -16.03
CA SER A 296 16.97 -12.15 -15.63
C SER A 296 17.81 -11.75 -16.84
N ALA A 297 18.99 -11.17 -16.60
CA ALA A 297 19.88 -10.70 -17.64
C ALA A 297 21.31 -10.84 -17.16
N ALA A 298 22.22 -11.02 -18.12
CA ALA A 298 23.59 -11.40 -17.81
C ALA A 298 24.61 -10.56 -18.57
N LEU A 299 25.88 -10.69 -18.16
CA LEU A 299 26.98 -9.91 -18.71
C LEU A 299 27.45 -10.55 -20.03
N GLU A 300 28.59 -10.07 -20.54
CA GLU A 300 28.85 -10.08 -21.98
C GLU A 300 29.17 -11.47 -22.51
N ASN A 301 29.50 -12.43 -21.65
CA ASN A 301 29.66 -13.80 -22.14
C ASN A 301 28.30 -14.38 -22.51
N ASP A 302 27.21 -13.74 -22.07
CA ASP A 302 25.87 -14.28 -22.25
C ASP A 302 25.06 -13.32 -23.13
N LYS A 303 24.85 -12.08 -22.64
CA LYS A 303 24.14 -11.03 -23.37
C LYS A 303 22.67 -11.33 -23.62
N THR A 304 22.10 -12.35 -22.95
CA THR A 304 20.69 -12.65 -23.13
C THR A 304 19.87 -12.31 -21.88
N ILE A 305 18.57 -12.18 -22.13
CA ILE A 305 17.54 -12.02 -21.11
C ILE A 305 16.71 -13.30 -21.12
N LYS A 306 16.35 -13.80 -19.94
CA LYS A 306 15.53 -15.00 -19.85
C LYS A 306 14.28 -14.69 -19.07
N LEU A 307 13.16 -15.28 -19.50
CA LEU A 307 11.87 -15.16 -18.83
C LEU A 307 11.51 -16.51 -18.24
N TRP A 308 11.25 -16.53 -16.93
CA TRP A 308 10.95 -17.73 -16.17
C TRP A 308 9.54 -17.60 -15.58
N LYS A 309 8.78 -18.71 -15.56
CA LYS A 309 7.41 -18.71 -15.07
C LYS A 309 7.20 -19.81 -14.05
N SER A 310 6.45 -19.45 -13.01
CA SER A 310 6.18 -20.29 -11.87
C SER A 310 4.65 -20.39 -11.71
N ASP A 311 4.20 -21.42 -10.97
CA ASP A 311 2.81 -21.52 -10.60
C ASP A 311 2.50 -20.78 -9.31
N CYS A 312 3.54 -20.47 -8.51
CA CYS A 312 3.34 -19.83 -7.22
C CYS A 312 4.54 -18.93 -6.86
N LYS B 10 -4.97 15.88 -7.40
CA LYS B 10 -6.12 15.10 -7.95
C LYS B 10 -5.74 13.62 -7.88
N PRO B 11 -6.56 12.73 -7.25
CA PRO B 11 -6.18 11.32 -7.12
C PRO B 11 -6.49 10.54 -8.40
N ASN B 12 -5.87 9.35 -8.49
CA ASN B 12 -6.03 8.48 -9.63
C ASN B 12 -6.12 7.06 -9.10
N TYR B 13 -7.11 6.85 -8.23
CA TYR B 13 -7.41 5.55 -7.69
C TYR B 13 -7.76 4.63 -8.84
N ALA B 14 -7.08 3.47 -8.89
CA ALA B 14 -7.40 2.43 -9.87
C ALA B 14 -7.56 1.08 -9.18
N LEU B 15 -8.46 0.25 -9.70
CA LEU B 15 -8.74 -1.03 -9.09
C LEU B 15 -7.48 -1.90 -9.15
N LYS B 16 -7.11 -2.50 -8.01
CA LYS B 16 -5.99 -3.43 -7.99
C LYS B 16 -6.44 -4.85 -7.61
N PHE B 17 -7.32 -4.97 -6.59
CA PHE B 17 -7.71 -6.30 -6.15
C PHE B 17 -9.21 -6.34 -5.90
N THR B 18 -9.83 -7.47 -6.24
CA THR B 18 -11.18 -7.77 -5.83
C THR B 18 -11.13 -9.02 -4.97
N LEU B 19 -11.63 -8.86 -3.74
CA LEU B 19 -11.56 -9.85 -2.68
C LEU B 19 -12.93 -10.51 -2.59
N ALA B 20 -13.01 -11.78 -2.98
CA ALA B 20 -14.24 -12.53 -2.85
C ALA B 20 -14.08 -13.57 -1.75
N GLY B 21 -15.18 -13.96 -1.13
CA GLY B 21 -15.20 -15.05 -0.17
C GLY B 21 -16.43 -15.01 0.73
N HIS B 22 -16.92 -13.82 1.02
CA HIS B 22 -18.13 -13.71 1.83
C HIS B 22 -19.29 -14.23 1.03
N THR B 23 -20.26 -14.87 1.72
CA THR B 23 -21.40 -15.49 1.07
C THR B 23 -22.68 -14.68 1.30
N LYS B 24 -22.59 -13.57 2.06
CA LYS B 24 -23.68 -12.62 2.13
C LYS B 24 -23.08 -11.21 2.06
N ALA B 25 -23.95 -10.19 2.13
CA ALA B 25 -23.52 -8.80 2.14
C ALA B 25 -22.31 -8.59 3.06
N VAL B 26 -21.39 -7.76 2.60
CA VAL B 26 -20.31 -7.27 3.45
C VAL B 26 -20.84 -6.05 4.18
N SER B 27 -20.52 -5.93 5.47
CA SER B 27 -21.07 -4.89 6.31
C SER B 27 -20.03 -3.81 6.65
N SER B 28 -18.75 -4.21 6.70
CA SER B 28 -17.75 -3.29 7.21
C SER B 28 -16.36 -3.78 6.78
N VAL B 29 -15.48 -2.84 6.42
CA VAL B 29 -14.06 -3.11 6.18
C VAL B 29 -13.23 -2.08 6.92
N LYS B 30 -12.14 -2.54 7.55
CA LYS B 30 -11.26 -1.68 8.32
C LYS B 30 -9.80 -2.10 8.16
N PHE B 31 -8.91 -1.11 7.96
CA PHE B 31 -7.49 -1.42 7.86
C PHE B 31 -6.90 -1.49 9.25
N SER B 32 -6.00 -2.45 9.48
CA SER B 32 -5.28 -2.49 10.74
C SER B 32 -4.43 -1.22 10.90
N PRO B 33 -4.29 -0.65 12.12
CA PRO B 33 -3.40 0.51 12.33
C PRO B 33 -1.94 0.36 11.88
N ASN B 34 -1.34 -0.84 12.00
CA ASN B 34 0.00 -1.11 11.51
C ASN B 34 0.05 -1.23 9.99
N GLY B 35 -1.11 -1.18 9.30
CA GLY B 35 -1.11 -1.05 7.85
C GLY B 35 -1.04 -2.38 7.09
N GLU B 36 -0.94 -3.50 7.80
CA GLU B 36 -0.63 -4.77 7.15
C GLU B 36 -1.88 -5.51 6.70
N TRP B 37 -3.02 -5.26 7.35
CA TRP B 37 -4.19 -6.12 7.17
C TRP B 37 -5.44 -5.30 6.85
N LEU B 38 -6.42 -5.98 6.27
CA LEU B 38 -7.79 -5.50 6.16
C LEU B 38 -8.70 -6.54 6.80
N ALA B 39 -9.60 -6.08 7.67
CA ALA B 39 -10.63 -6.95 8.24
C ALA B 39 -11.99 -6.60 7.63
N SER B 40 -12.78 -7.63 7.33
CA SER B 40 -14.13 -7.49 6.81
C SER B 40 -15.08 -8.27 7.71
N SER B 41 -16.27 -7.71 7.87
CA SER B 41 -17.37 -8.38 8.54
C SER B 41 -18.50 -8.58 7.53
N SER B 42 -19.43 -9.48 7.80
CA SER B 42 -20.47 -9.82 6.84
C SER B 42 -21.72 -10.36 7.53
N ALA B 43 -22.84 -10.30 6.81
CA ALA B 43 -24.06 -10.99 7.18
C ALA B 43 -23.88 -12.52 7.26
N ASP B 44 -22.79 -13.03 6.68
CA ASP B 44 -22.54 -14.48 6.71
C ASP B 44 -21.98 -14.94 8.06
N LYS B 45 -21.86 -14.01 9.05
CA LYS B 45 -21.47 -14.33 10.40
C LYS B 45 -19.96 -14.48 10.58
N LEU B 46 -19.20 -14.07 9.57
CA LEU B 46 -17.76 -14.26 9.57
C LEU B 46 -17.03 -12.93 9.50
N ILE B 47 -15.81 -12.98 10.05
CA ILE B 47 -14.80 -11.97 9.82
C ILE B 47 -13.74 -12.61 8.93
N LYS B 48 -13.29 -11.86 7.93
CA LYS B 48 -12.19 -12.31 7.08
C LYS B 48 -11.07 -11.29 7.19
N ILE B 49 -9.84 -11.81 7.23
CA ILE B 49 -8.63 -10.99 7.19
C ILE B 49 -7.94 -11.19 5.85
N TRP B 50 -7.52 -10.06 5.26
CA TRP B 50 -6.90 -9.99 3.96
C TRP B 50 -5.63 -9.14 4.10
N GLY B 51 -4.60 -9.44 3.30
CA GLY B 51 -3.46 -8.54 3.20
C GLY B 51 -3.85 -7.21 2.56
N ALA B 52 -3.48 -6.10 3.22
CA ALA B 52 -3.84 -4.75 2.79
C ALA B 52 -3.17 -4.38 1.47
N TYR B 53 -2.00 -4.99 1.17
CA TYR B 53 -1.21 -4.60 0.00
C TYR B 53 -1.52 -5.48 -1.20
N ASP B 54 -1.85 -6.76 -1.00
CA ASP B 54 -1.95 -7.73 -2.08
C ASP B 54 -3.36 -8.31 -2.20
N GLY B 55 -4.27 -7.98 -1.29
CA GLY B 55 -5.63 -8.50 -1.38
C GLY B 55 -5.74 -9.97 -0.94
N LYS B 56 -4.63 -10.56 -0.51
CA LYS B 56 -4.58 -12.01 -0.37
C LYS B 56 -5.38 -12.43 0.86
N PHE B 57 -6.28 -13.41 0.68
CA PHE B 57 -7.00 -13.99 1.79
C PHE B 57 -6.02 -14.58 2.83
N GLU B 58 -6.24 -14.23 4.09
CA GLU B 58 -5.34 -14.64 5.16
C GLU B 58 -6.03 -15.67 6.08
N LYS B 59 -7.26 -15.36 6.54
CA LYS B 59 -7.97 -16.26 7.43
C LYS B 59 -9.41 -15.79 7.61
N THR B 60 -10.20 -16.72 8.15
CA THR B 60 -11.58 -16.51 8.52
C THR B 60 -11.67 -16.66 10.02
N ILE B 61 -12.40 -15.76 10.68
CA ILE B 61 -12.66 -15.84 12.11
C ILE B 61 -14.16 -16.03 12.31
N SER B 62 -14.53 -17.03 13.10
CA SER B 62 -15.94 -17.40 13.21
C SER B 62 -16.31 -17.61 14.67
N GLY B 63 -17.61 -17.47 14.99
CA GLY B 63 -18.11 -17.73 16.32
C GLY B 63 -19.46 -17.09 16.60
N HIS B 64 -19.73 -15.93 15.99
CA HIS B 64 -21.04 -15.30 16.14
C HIS B 64 -22.11 -16.21 15.58
N LYS B 65 -23.30 -16.16 16.20
CA LYS B 65 -24.45 -16.97 15.80
C LYS B 65 -25.31 -16.28 14.74
N LEU B 66 -25.10 -14.97 14.49
CA LEU B 66 -25.86 -14.27 13.44
C LEU B 66 -24.91 -13.27 12.78
N GLY B 67 -25.47 -12.49 11.86
CA GLY B 67 -24.72 -11.57 11.03
C GLY B 67 -23.92 -10.56 11.89
N ILE B 68 -22.85 -10.03 11.28
CA ILE B 68 -22.00 -9.07 11.93
C ILE B 68 -22.14 -7.76 11.17
N SER B 69 -22.43 -6.66 11.91
CA SER B 69 -22.52 -5.33 11.32
C SER B 69 -21.16 -4.62 11.27
N ASP B 70 -20.25 -4.88 12.23
CA ASP B 70 -19.11 -3.98 12.35
C ASP B 70 -17.94 -4.71 12.97
N VAL B 71 -16.74 -4.24 12.65
CA VAL B 71 -15.50 -4.70 13.26
C VAL B 71 -14.63 -3.48 13.48
N ALA B 72 -13.69 -3.61 14.42
CA ALA B 72 -12.69 -2.58 14.63
C ALA B 72 -11.45 -3.20 15.25
N TRP B 73 -10.32 -2.56 14.96
CA TRP B 73 -9.00 -2.98 15.40
C TRP B 73 -8.58 -2.25 16.66
N SER B 74 -7.88 -2.94 17.54
CA SER B 74 -7.15 -2.32 18.63
C SER B 74 -5.94 -1.53 18.08
N SER B 75 -5.42 -0.61 18.90
CA SER B 75 -4.34 0.24 18.42
C SER B 75 -3.10 -0.54 18.06
N ASP B 76 -2.85 -1.65 18.75
CA ASP B 76 -1.64 -2.44 18.50
C ASP B 76 -1.86 -3.52 17.43
N SER B 77 -3.03 -3.46 16.74
CA SER B 77 -3.38 -4.35 15.65
C SER B 77 -3.48 -5.82 16.07
N ASN B 78 -3.53 -6.15 17.37
CA ASN B 78 -3.52 -7.55 17.80
C ASN B 78 -4.93 -8.06 18.09
N LEU B 79 -5.86 -7.15 18.33
CA LEU B 79 -7.22 -7.51 18.70
C LEU B 79 -8.19 -6.93 17.69
N LEU B 80 -9.32 -7.64 17.55
CA LEU B 80 -10.49 -7.14 16.87
C LEU B 80 -11.67 -7.18 17.84
N VAL B 81 -12.59 -6.25 17.62
CA VAL B 81 -13.89 -6.36 18.25
C VAL B 81 -14.93 -6.38 17.13
N SER B 82 -16.01 -7.14 17.35
CA SER B 82 -17.06 -7.35 16.36
C SER B 82 -18.40 -7.08 17.00
N ALA B 83 -19.32 -6.50 16.21
CA ALA B 83 -20.67 -6.21 16.65
C ALA B 83 -21.67 -7.02 15.81
N SER B 84 -22.59 -7.73 16.51
CA SER B 84 -23.42 -8.75 15.87
C SER B 84 -24.89 -8.59 16.25
N ASP B 85 -25.72 -9.04 15.30
CA ASP B 85 -27.16 -9.21 15.47
C ASP B 85 -27.47 -10.25 16.55
N ASP B 86 -26.48 -11.04 16.96
CA ASP B 86 -26.69 -11.96 18.07
C ASP B 86 -26.70 -11.22 19.42
N LYS B 87 -26.61 -9.88 19.41
CA LYS B 87 -26.74 -9.01 20.58
C LYS B 87 -25.44 -8.94 21.39
N THR B 88 -24.36 -9.54 20.88
CA THR B 88 -23.09 -9.56 21.57
C THR B 88 -22.05 -8.81 20.76
N LEU B 89 -21.00 -8.39 21.45
CA LEU B 89 -19.73 -8.11 20.79
C LEU B 89 -18.76 -9.23 21.16
N LYS B 90 -17.79 -9.47 20.27
CA LYS B 90 -16.74 -10.41 20.59
C LYS B 90 -15.39 -9.72 20.41
N ILE B 91 -14.47 -10.00 21.35
CA ILE B 91 -13.08 -9.59 21.24
C ILE B 91 -12.27 -10.79 20.79
N TRP B 92 -11.48 -10.59 19.73
CA TRP B 92 -10.76 -11.69 19.09
C TRP B 92 -9.26 -11.42 19.14
N ASP B 93 -8.51 -12.52 19.34
CA ASP B 93 -7.07 -12.52 19.11
C ASP B 93 -6.89 -12.80 17.62
N VAL B 94 -6.33 -11.82 16.91
CA VAL B 94 -6.27 -11.87 15.46
C VAL B 94 -5.31 -12.98 15.04
N SER B 95 -4.17 -13.06 15.75
CA SER B 95 -3.17 -14.09 15.54
C SER B 95 -3.77 -15.50 15.58
N SER B 96 -4.47 -15.84 16.66
CA SER B 96 -4.93 -17.20 16.85
C SER B 96 -6.32 -17.41 16.26
N GLY B 97 -7.05 -16.31 16.04
CA GLY B 97 -8.41 -16.41 15.52
C GLY B 97 -9.44 -16.75 16.60
N LYS B 98 -8.99 -16.91 17.87
CA LYS B 98 -9.85 -17.30 18.97
C LYS B 98 -10.61 -16.10 19.57
N CYS B 99 -11.84 -16.35 20.00
CA CYS B 99 -12.61 -15.42 20.79
C CYS B 99 -12.10 -15.33 22.25
N LEU B 100 -11.67 -14.15 22.69
CA LEU B 100 -11.14 -13.96 24.02
C LEU B 100 -12.29 -13.64 24.97
N LYS B 101 -13.25 -12.81 24.53
CA LYS B 101 -14.34 -12.40 25.39
C LYS B 101 -15.59 -12.24 24.55
N THR B 102 -16.74 -12.50 25.17
CA THR B 102 -18.02 -12.13 24.61
C THR B 102 -18.66 -11.07 25.52
N LEU B 103 -19.02 -9.91 24.94
CA LEU B 103 -19.58 -8.77 25.65
C LEU B 103 -21.10 -8.78 25.51
N LYS B 104 -21.74 -9.13 26.63
CA LYS B 104 -23.17 -9.32 26.73
C LYS B 104 -23.79 -8.20 27.56
N GLY B 105 -24.95 -7.74 27.13
CA GLY B 105 -25.56 -6.58 27.73
C GLY B 105 -26.64 -5.97 26.87
N HIS B 106 -26.32 -5.72 25.61
CA HIS B 106 -27.28 -5.13 24.69
C HIS B 106 -28.49 -6.05 24.61
N SER B 107 -29.68 -5.48 24.42
CA SER B 107 -30.92 -6.23 24.33
C SER B 107 -31.45 -6.28 22.90
N ASN B 108 -30.64 -5.87 21.94
CA ASN B 108 -31.02 -5.99 20.55
C ASN B 108 -29.74 -5.97 19.74
N TYR B 109 -29.85 -5.97 18.39
CA TYR B 109 -28.67 -6.07 17.53
C TYR B 109 -27.60 -5.05 17.92
N VAL B 110 -26.33 -5.44 17.89
CA VAL B 110 -25.24 -4.46 18.07
C VAL B 110 -24.79 -4.01 16.69
N PHE B 111 -24.84 -2.71 16.44
CA PHE B 111 -24.68 -2.20 15.09
C PHE B 111 -23.26 -1.66 14.84
N CYS B 112 -22.62 -1.10 15.86
CA CYS B 112 -21.39 -0.35 15.63
C CYS B 112 -20.48 -0.50 16.85
N CYS B 113 -19.15 -0.47 16.63
CA CYS B 113 -18.20 -0.62 17.71
C CYS B 113 -16.89 0.09 17.34
N ASN B 114 -16.10 0.37 18.38
CA ASN B 114 -14.78 1.00 18.24
C ASN B 114 -14.02 0.92 19.56
N PHE B 115 -12.71 0.74 19.45
CA PHE B 115 -11.81 0.87 20.60
C PHE B 115 -11.46 2.34 20.76
N ASN B 116 -11.08 2.72 21.97
CA ASN B 116 -10.50 4.04 22.21
C ASN B 116 -9.05 3.96 21.76
N PRO B 117 -8.37 5.08 21.47
CA PRO B 117 -6.95 5.07 21.08
C PRO B 117 -6.04 4.21 21.96
N GLN B 118 -6.29 4.24 23.27
CA GLN B 118 -5.52 3.47 24.22
C GLN B 118 -5.89 1.99 24.19
N SER B 119 -7.10 1.70 23.71
CA SER B 119 -7.61 0.34 23.49
C SER B 119 -7.80 -0.39 24.81
N ASN B 120 -8.06 0.35 25.88
CA ASN B 120 -8.50 -0.25 27.14
C ASN B 120 -10.03 -0.28 27.19
N LEU B 121 -10.68 0.49 26.31
CA LEU B 121 -12.14 0.54 26.29
C LEU B 121 -12.65 0.20 24.90
N ILE B 122 -13.87 -0.35 24.87
CA ILE B 122 -14.64 -0.43 23.63
C ILE B 122 -15.96 0.31 23.82
N VAL B 123 -16.35 1.01 22.77
CA VAL B 123 -17.67 1.61 22.71
C VAL B 123 -18.53 0.87 21.68
N SER B 124 -19.82 0.73 22.05
CA SER B 124 -20.80 0.08 21.18
C SER B 124 -22.11 0.87 21.09
N GLY B 125 -22.77 0.73 19.95
CA GLY B 125 -24.09 1.28 19.69
C GLY B 125 -25.00 0.17 19.15
N SER B 126 -26.27 0.23 19.56
CA SER B 126 -27.20 -0.88 19.38
C SER B 126 -28.57 -0.41 18.90
N PHE B 127 -29.31 -1.33 18.29
CA PHE B 127 -30.72 -1.11 17.97
C PHE B 127 -31.52 -0.89 19.24
N ASP B 128 -30.95 -1.24 20.41
CA ASP B 128 -31.63 -1.07 21.68
C ASP B 128 -31.60 0.40 22.11
N GLU B 129 -30.93 1.26 21.32
CA GLU B 129 -30.99 2.70 21.45
C GLU B 129 -29.98 3.20 22.47
N SER B 130 -29.16 2.28 22.99
CA SER B 130 -28.13 2.61 23.95
C SER B 130 -26.73 2.60 23.31
N VAL B 131 -25.83 3.31 23.99
CA VAL B 131 -24.40 3.22 23.77
C VAL B 131 -23.82 2.59 25.02
N ARG B 132 -22.96 1.60 24.86
CA ARG B 132 -22.33 0.97 26.01
C ARG B 132 -20.82 1.20 25.91
N ILE B 133 -20.20 1.32 27.09
CA ILE B 133 -18.76 1.43 27.22
C ILE B 133 -18.28 0.24 28.03
N TRP B 134 -17.34 -0.51 27.43
CA TRP B 134 -16.89 -1.79 27.94
C TRP B 134 -15.41 -1.72 28.29
N ASP B 135 -15.06 -2.54 29.28
CA ASP B 135 -13.69 -2.74 29.69
C ASP B 135 -13.07 -3.87 28.89
N VAL B 136 -12.06 -3.57 28.10
CA VAL B 136 -11.44 -4.58 27.27
C VAL B 136 -10.92 -5.73 28.13
N LYS B 137 -10.24 -5.44 29.26
CA LYS B 137 -9.48 -6.46 29.97
C LYS B 137 -10.43 -7.39 30.73
N THR B 138 -11.53 -6.88 31.27
CA THR B 138 -12.44 -7.72 32.04
C THR B 138 -13.68 -8.13 31.22
N GLY B 139 -14.02 -7.38 30.16
CA GLY B 139 -15.21 -7.70 29.38
C GLY B 139 -16.53 -7.28 30.04
N LYS B 140 -16.45 -6.52 31.13
CA LYS B 140 -17.66 -6.08 31.81
C LYS B 140 -18.11 -4.75 31.20
N CYS B 141 -19.43 -4.57 31.16
CA CYS B 141 -19.98 -3.29 30.75
C CYS B 141 -19.75 -2.29 31.87
N LEU B 142 -19.02 -1.22 31.57
CA LEU B 142 -18.72 -0.18 32.53
C LEU B 142 -19.90 0.77 32.64
N LYS B 143 -20.42 1.26 31.49
CA LYS B 143 -21.53 2.20 31.50
C LYS B 143 -22.51 1.91 30.36
N THR B 144 -23.81 2.12 30.63
CA THR B 144 -24.85 2.13 29.60
C THR B 144 -25.43 3.53 29.47
N LEU B 145 -25.24 4.16 28.32
CA LEU B 145 -25.76 5.48 28.07
C LEU B 145 -27.13 5.35 27.40
N PRO B 146 -28.22 5.94 27.94
CA PRO B 146 -29.47 6.00 27.20
C PRO B 146 -29.33 7.10 26.16
N ALA B 147 -28.67 6.77 25.05
CA ALA B 147 -28.09 7.80 24.20
C ALA B 147 -29.09 8.41 23.24
N HIS B 148 -30.06 7.59 22.83
CA HIS B 148 -30.87 7.91 21.67
C HIS B 148 -32.26 7.33 21.85
N SER B 149 -33.19 7.79 21.00
CA SER B 149 -34.56 7.27 20.96
C SER B 149 -34.82 6.45 19.69
N ASP B 150 -33.76 5.97 19.03
CA ASP B 150 -33.88 5.06 17.89
C ASP B 150 -32.53 4.36 17.74
N PRO B 151 -32.37 3.37 16.84
CA PRO B 151 -31.10 2.67 16.69
C PRO B 151 -29.90 3.60 16.55
N VAL B 152 -28.78 3.21 17.17
CA VAL B 152 -27.54 3.97 17.11
C VAL B 152 -26.73 3.53 15.88
N SER B 153 -26.39 4.49 15.02
CA SER B 153 -25.85 4.22 13.68
C SER B 153 -24.33 4.19 13.68
N ALA B 154 -23.71 4.89 14.64
CA ALA B 154 -22.28 4.99 14.72
C ALA B 154 -21.85 5.46 16.10
N VAL B 155 -20.67 4.99 16.52
CA VAL B 155 -20.00 5.43 17.73
C VAL B 155 -18.51 5.58 17.42
N HIS B 156 -17.85 6.60 18.00
CA HIS B 156 -16.45 6.85 17.68
C HIS B 156 -15.80 7.68 18.77
N PHE B 157 -14.58 7.28 19.16
CA PHE B 157 -13.81 7.96 20.20
C PHE B 157 -12.96 9.08 19.57
N ASN B 158 -12.74 10.16 20.37
CA ASN B 158 -11.91 11.28 19.96
C ASN B 158 -10.46 10.82 19.99
N ARG B 159 -9.59 11.69 19.45
CA ARG B 159 -8.19 11.35 19.34
C ARG B 159 -7.56 11.02 20.69
N ASP B 160 -8.21 11.35 21.82
CA ASP B 160 -7.60 11.13 23.13
C ASP B 160 -8.48 10.27 24.02
N GLY B 161 -9.58 9.74 23.48
CA GLY B 161 -10.43 8.86 24.25
C GLY B 161 -11.32 9.55 25.28
N SER B 162 -11.29 10.89 25.35
CA SER B 162 -12.02 11.61 26.39
C SER B 162 -13.49 11.80 25.98
N LEU B 163 -13.75 11.79 24.66
CA LEU B 163 -15.06 11.99 24.08
C LEU B 163 -15.50 10.77 23.26
N ILE B 164 -16.82 10.63 23.13
CA ILE B 164 -17.48 9.70 22.22
C ILE B 164 -18.48 10.52 21.40
N VAL B 165 -18.52 10.31 20.09
CA VAL B 165 -19.62 10.83 19.29
C VAL B 165 -20.52 9.66 18.87
N SER B 166 -21.84 9.87 18.96
CA SER B 166 -22.86 8.93 18.51
C SER B 166 -23.83 9.61 17.54
N SER B 167 -24.41 8.81 16.67
CA SER B 167 -25.46 9.23 15.76
C SER B 167 -26.59 8.21 15.83
N SER B 168 -27.75 8.61 15.30
CA SER B 168 -28.94 7.80 15.40
C SER B 168 -29.96 8.23 14.35
N TYR B 169 -30.85 7.30 14.01
CA TYR B 169 -32.04 7.53 13.20
C TYR B 169 -32.99 8.54 13.84
N ASP B 170 -32.83 8.84 15.15
CA ASP B 170 -33.64 9.83 15.84
C ASP B 170 -33.33 11.23 15.32
N GLY B 171 -32.22 11.39 14.57
CA GLY B 171 -31.86 12.64 13.92
C GLY B 171 -30.81 13.41 14.70
N LEU B 172 -30.30 12.82 15.80
CA LEU B 172 -29.38 13.51 16.69
C LEU B 172 -27.97 12.98 16.53
N CYS B 173 -27.02 13.89 16.68
CA CYS B 173 -25.64 13.52 16.91
C CYS B 173 -25.28 14.08 18.28
N ARG B 174 -24.71 13.25 19.15
CA ARG B 174 -24.38 13.65 20.51
C ARG B 174 -22.90 13.39 20.78
N ILE B 175 -22.31 14.27 21.59
CA ILE B 175 -20.96 14.09 22.10
C ILE B 175 -21.06 13.80 23.59
N TRP B 176 -20.33 12.77 24.01
CA TRP B 176 -20.38 12.25 25.35
C TRP B 176 -19.00 12.34 26.00
N ASP B 177 -19.00 12.59 27.30
CA ASP B 177 -17.84 12.51 28.15
C ASP B 177 -17.59 11.07 28.57
N THR B 178 -16.46 10.49 28.14
CA THR B 178 -16.21 9.08 28.37
C THR B 178 -16.23 8.75 29.85
N ALA B 179 -15.61 9.63 30.65
CA ALA B 179 -15.38 9.35 32.06
C ALA B 179 -16.69 9.28 32.85
N SER B 180 -17.62 10.21 32.54
CA SER B 180 -18.85 10.32 33.30
C SER B 180 -20.04 9.69 32.58
N GLY B 181 -19.95 9.59 31.25
CA GLY B 181 -21.06 9.13 30.44
C GLY B 181 -22.11 10.21 30.20
N GLN B 182 -21.81 11.47 30.55
CA GLN B 182 -22.79 12.54 30.42
C GLN B 182 -22.64 13.17 29.04
N CYS B 183 -23.78 13.59 28.49
CA CYS B 183 -23.81 14.29 27.22
C CYS B 183 -23.13 15.63 27.40
N LEU B 184 -22.39 16.04 26.38
CA LEU B 184 -21.71 17.33 26.37
C LEU B 184 -22.36 18.26 25.36
N LYS B 185 -22.87 17.71 24.26
CA LYS B 185 -23.48 18.52 23.24
C LYS B 185 -24.39 17.64 22.42
N THR B 186 -25.51 18.23 21.97
CA THR B 186 -26.37 17.63 20.96
C THR B 186 -26.40 18.56 19.75
N LEU B 187 -26.07 18.03 18.54
CA LEU B 187 -26.36 18.73 17.30
C LEU B 187 -27.68 18.25 16.69
N ILE B 188 -28.73 19.09 16.75
CA ILE B 188 -30.09 18.71 16.35
C ILE B 188 -30.42 19.21 14.94
N ASP B 191 -36.04 19.69 11.77
CA ASP B 191 -34.89 19.83 10.84
C ASP B 191 -33.88 18.72 11.16
N ASN B 192 -34.29 17.46 10.96
CA ASN B 192 -33.52 16.33 11.48
C ASN B 192 -33.86 15.04 10.72
N PRO B 193 -33.27 14.84 9.52
CA PRO B 193 -33.26 13.53 8.86
C PRO B 193 -32.44 12.54 9.70
N PRO B 194 -32.70 11.22 9.60
CA PRO B 194 -31.82 10.22 10.20
C PRO B 194 -30.33 10.54 9.98
N VAL B 195 -29.55 10.51 11.07
CA VAL B 195 -28.11 10.60 10.98
C VAL B 195 -27.57 9.17 10.91
N SER B 196 -27.00 8.85 9.74
CA SER B 196 -26.66 7.49 9.37
C SER B 196 -25.21 7.18 9.70
N PHE B 197 -24.36 8.18 9.95
CA PHE B 197 -22.97 7.92 10.27
C PHE B 197 -22.32 9.17 10.85
N VAL B 198 -21.37 8.96 11.75
CA VAL B 198 -20.62 10.06 12.32
C VAL B 198 -19.23 9.59 12.76
N LYS B 199 -18.23 10.46 12.63
CA LYS B 199 -16.93 10.19 13.23
C LYS B 199 -16.13 11.50 13.37
N PHE B 200 -15.21 11.46 14.32
CA PHE B 200 -14.27 12.55 14.53
C PHE B 200 -13.24 12.59 13.41
N SER B 201 -12.79 13.80 13.07
CA SER B 201 -11.64 14.01 12.20
C SER B 201 -10.37 13.52 12.90
N PRO B 202 -9.29 13.23 12.14
CA PRO B 202 -8.00 12.89 12.76
C PRO B 202 -7.46 13.96 13.72
N ASN B 203 -7.77 15.24 13.44
CA ASN B 203 -7.44 16.38 14.27
C ASN B 203 -8.12 16.38 15.64
N GLY B 204 -9.32 15.80 15.69
CA GLY B 204 -10.16 15.81 16.88
C GLY B 204 -11.07 17.04 16.92
N LYS B 205 -10.92 17.94 15.93
CA LYS B 205 -11.56 19.24 15.97
C LYS B 205 -12.95 19.19 15.35
N TYR B 206 -13.14 18.31 14.36
CA TYR B 206 -14.34 18.32 13.54
C TYR B 206 -15.11 17.00 13.68
N ILE B 207 -16.28 16.94 13.04
CA ILE B 207 -17.07 15.72 12.97
C ILE B 207 -17.63 15.61 11.56
N LEU B 208 -17.51 14.43 10.93
CA LEU B 208 -18.18 14.20 9.65
C LEU B 208 -19.48 13.45 9.93
N ALA B 209 -20.62 13.93 9.41
CA ALA B 209 -21.87 13.26 9.67
C ALA B 209 -22.65 13.05 8.38
N ALA B 210 -23.16 11.81 8.19
CA ALA B 210 -24.03 11.53 7.06
C ALA B 210 -25.48 11.58 7.51
N THR B 211 -26.35 12.12 6.64
CA THR B 211 -27.79 12.08 6.86
C THR B 211 -28.44 11.42 5.65
N LEU B 212 -29.65 10.88 5.86
CA LEU B 212 -30.29 10.07 4.85
C LEU B 212 -31.04 10.97 3.86
N ASP B 213 -30.41 12.08 3.50
CA ASP B 213 -30.92 13.00 2.49
C ASP B 213 -29.87 13.17 1.38
N ASN B 214 -29.04 12.16 1.18
CA ASN B 214 -28.03 12.18 0.14
C ASN B 214 -26.98 13.26 0.46
N THR B 215 -26.71 13.47 1.75
CA THR B 215 -25.84 14.55 2.18
C THR B 215 -24.85 14.07 3.25
N LEU B 216 -23.57 14.42 3.04
CA LEU B 216 -22.56 14.43 4.08
C LEU B 216 -22.30 15.88 4.44
N LYS B 217 -22.00 16.11 5.73
CA LYS B 217 -21.73 17.44 6.25
C LYS B 217 -20.56 17.41 7.22
N LEU B 218 -19.61 18.35 7.05
CA LEU B 218 -18.51 18.52 8.00
C LEU B 218 -18.89 19.61 8.99
N TRP B 219 -18.85 19.27 10.28
CA TRP B 219 -19.27 20.16 11.37
C TRP B 219 -18.07 20.53 12.21
N ASP B 220 -17.92 21.83 12.48
CA ASP B 220 -17.18 22.25 13.66
C ASP B 220 -18.13 22.12 14.83
N TYR B 221 -17.83 21.22 15.79
CA TYR B 221 -18.76 20.91 16.87
C TYR B 221 -18.45 21.76 18.10
N SER B 222 -17.25 22.35 18.16
CA SER B 222 -16.96 23.38 19.14
C SER B 222 -17.73 24.66 18.80
N LYS B 223 -17.91 24.94 17.49
CA LYS B 223 -18.66 26.12 17.05
C LYS B 223 -20.01 25.73 16.43
N GLY B 224 -20.41 24.46 16.54
CA GLY B 224 -21.69 23.97 16.05
C GLY B 224 -22.11 24.58 14.71
N LYS B 225 -21.19 24.69 13.74
CA LYS B 225 -21.49 25.24 12.43
C LYS B 225 -21.08 24.22 11.36
N CYS B 226 -21.96 24.02 10.37
CA CYS B 226 -21.67 23.22 9.21
C CYS B 226 -20.71 24.01 8.31
N LEU B 227 -19.51 23.46 8.06
CA LEU B 227 -18.50 24.16 7.30
C LEU B 227 -18.56 23.74 5.83
N LYS B 228 -18.84 22.47 5.59
CA LYS B 228 -18.77 21.92 4.23
C LYS B 228 -19.93 20.97 4.01
N THR B 229 -20.35 20.84 2.74
CA THR B 229 -21.41 19.94 2.37
C THR B 229 -21.02 19.19 1.10
N TYR B 230 -21.15 17.87 1.15
CA TYR B 230 -20.73 17.04 0.04
C TYR B 230 -21.96 16.30 -0.48
N THR B 231 -22.21 16.46 -1.79
CA THR B 231 -23.37 15.85 -2.41
C THR B 231 -22.96 15.34 -3.79
N GLY B 232 -23.90 14.66 -4.44
CA GLY B 232 -23.66 14.02 -5.72
C GLY B 232 -23.78 12.51 -5.56
N HIS B 233 -23.55 12.03 -4.33
CA HIS B 233 -23.74 10.62 -4.04
C HIS B 233 -25.20 10.37 -3.66
N LYS B 234 -25.61 9.09 -3.70
CA LYS B 234 -26.93 8.69 -3.24
C LYS B 234 -26.86 7.98 -1.89
N ASN B 235 -27.61 8.53 -0.93
CA ASN B 235 -27.72 7.94 0.38
C ASN B 235 -29.04 8.33 1.03
N GLU B 236 -30.07 7.49 0.87
CA GLU B 236 -31.37 7.72 1.49
C GLU B 236 -31.84 6.55 2.36
N LYS B 237 -31.08 5.46 2.41
CA LYS B 237 -31.57 4.22 3.01
C LYS B 237 -30.55 3.66 4.02
N TYR B 238 -29.28 3.60 3.64
CA TYR B 238 -28.33 2.79 4.39
C TYR B 238 -27.36 3.65 5.20
N CYS B 239 -26.84 3.01 6.23
CA CYS B 239 -25.80 3.59 7.04
C CYS B 239 -24.47 3.31 6.37
N ILE B 240 -23.94 4.33 5.70
CA ILE B 240 -22.74 4.19 4.88
C ILE B 240 -21.60 4.88 5.60
N PHE B 241 -20.48 4.17 5.71
CA PHE B 241 -19.30 4.72 6.35
C PHE B 241 -18.72 5.83 5.47
N ALA B 242 -18.10 6.81 6.10
CA ALA B 242 -17.37 7.84 5.37
C ALA B 242 -16.03 8.05 6.07
N ASN B 243 -15.05 8.57 5.32
CA ASN B 243 -13.67 8.64 5.80
C ASN B 243 -13.05 9.99 5.48
N PHE B 244 -12.10 10.40 6.33
CA PHE B 244 -11.08 11.39 5.96
C PHE B 244 -9.90 10.62 5.36
N SER B 245 -9.46 11.01 4.16
CA SER B 245 -8.25 10.46 3.57
C SER B 245 -7.13 11.49 3.78
N VAL B 246 -6.05 11.10 4.46
CA VAL B 246 -5.01 12.04 4.86
C VAL B 246 -3.61 11.57 4.47
N THR B 247 -3.49 10.45 3.75
CA THR B 247 -2.20 9.95 3.35
C THR B 247 -1.67 10.77 2.17
N GLY B 248 -2.53 11.10 1.20
CA GLY B 248 -2.15 11.99 0.10
C GLY B 248 -2.72 13.41 0.29
N GLY B 249 -3.57 13.83 -0.65
CA GLY B 249 -4.34 15.05 -0.49
C GLY B 249 -5.41 14.87 0.57
N LYS B 250 -6.04 15.97 0.99
CA LYS B 250 -7.12 15.90 1.96
C LYS B 250 -8.45 15.67 1.25
N TRP B 251 -8.95 14.41 1.30
CA TRP B 251 -10.19 14.05 0.64
C TRP B 251 -11.21 13.58 1.67
N ILE B 252 -12.46 13.51 1.22
CA ILE B 252 -13.55 12.83 1.89
C ILE B 252 -13.95 11.69 0.98
N VAL B 253 -14.09 10.48 1.56
CA VAL B 253 -14.43 9.28 0.82
C VAL B 253 -15.72 8.73 1.42
N SER B 254 -16.63 8.30 0.54
CA SER B 254 -17.85 7.64 0.95
C SER B 254 -18.33 6.69 -0.13
N GLY B 255 -18.96 5.60 0.32
CA GLY B 255 -19.80 4.80 -0.54
C GLY B 255 -21.11 5.52 -0.83
N SER B 256 -21.99 4.81 -1.56
CA SER B 256 -23.14 5.39 -2.20
C SER B 256 -24.02 4.27 -2.75
N GLU B 257 -25.32 4.58 -2.82
CA GLU B 257 -26.35 3.61 -3.20
C GLU B 257 -26.41 3.45 -4.71
N ASP B 258 -25.59 4.22 -5.46
CA ASP B 258 -25.49 4.08 -6.90
C ASP B 258 -24.24 3.26 -7.27
N ASN B 259 -23.63 2.62 -6.26
CA ASN B 259 -22.63 1.57 -6.44
C ASN B 259 -21.25 2.14 -6.71
N LEU B 260 -21.05 3.43 -6.46
CA LEU B 260 -19.77 4.06 -6.68
C LEU B 260 -19.19 4.47 -5.34
N VAL B 261 -17.86 4.61 -5.32
CA VAL B 261 -17.14 5.26 -4.25
C VAL B 261 -16.93 6.70 -4.67
N TYR B 262 -17.33 7.64 -3.81
CA TYR B 262 -17.15 9.05 -4.09
C TYR B 262 -15.95 9.57 -3.31
N ILE B 263 -15.15 10.42 -3.98
CA ILE B 263 -14.07 11.13 -3.34
C ILE B 263 -14.28 12.62 -3.63
N TRP B 264 -14.32 13.41 -2.57
CA TRP B 264 -14.41 14.84 -2.66
C TRP B 264 -13.11 15.49 -2.19
N ASN B 265 -12.73 16.55 -2.91
CA ASN B 265 -11.86 17.56 -2.35
C ASN B 265 -12.57 18.11 -1.12
N LEU B 266 -11.90 17.96 0.03
CA LEU B 266 -12.45 18.42 1.30
C LEU B 266 -12.84 19.90 1.22
N GLN B 267 -11.98 20.75 0.63
CA GLN B 267 -12.15 22.18 0.69
C GLN B 267 -13.10 22.67 -0.41
N THR B 268 -12.89 22.23 -1.66
CA THR B 268 -13.70 22.67 -2.79
C THR B 268 -15.08 22.03 -2.71
N LYS B 269 -15.15 20.84 -2.09
CA LYS B 269 -16.38 20.08 -2.03
C LYS B 269 -16.70 19.53 -3.42
N GLU B 270 -15.67 19.41 -4.27
CA GLU B 270 -15.86 18.92 -5.63
C GLU B 270 -15.56 17.43 -5.70
N ILE B 271 -16.35 16.72 -6.51
CA ILE B 271 -16.13 15.32 -6.79
C ILE B 271 -14.86 15.18 -7.64
N VAL B 272 -13.76 14.79 -6.99
CA VAL B 272 -12.51 14.67 -7.69
C VAL B 272 -12.48 13.32 -8.41
N GLN B 273 -13.19 12.32 -7.90
CA GLN B 273 -13.16 11.00 -8.53
C GLN B 273 -14.37 10.18 -8.12
N LYS B 274 -14.78 9.25 -8.98
CA LYS B 274 -15.80 8.27 -8.64
C LYS B 274 -15.33 6.90 -9.12
N LEU B 275 -15.30 5.93 -8.19
CA LEU B 275 -14.70 4.63 -8.48
C LEU B 275 -15.82 3.66 -8.80
N GLN B 276 -15.82 3.14 -10.04
CA GLN B 276 -16.88 2.29 -10.53
C GLN B 276 -16.35 0.86 -10.59
N GLY B 277 -17.22 -0.11 -10.33
CA GLY B 277 -16.79 -1.50 -10.24
C GLY B 277 -17.79 -2.38 -9.49
N HIS B 278 -18.35 -1.84 -8.39
CA HIS B 278 -19.26 -2.61 -7.57
C HIS B 278 -20.59 -2.76 -8.33
N THR B 279 -21.32 -3.82 -8.01
CA THR B 279 -22.63 -4.07 -8.59
C THR B 279 -23.72 -4.02 -7.52
N ASP B 280 -23.44 -3.35 -6.39
CA ASP B 280 -24.45 -3.09 -5.38
C ASP B 280 -23.99 -1.92 -4.52
N VAL B 281 -24.87 -1.49 -3.61
CA VAL B 281 -24.60 -0.39 -2.70
C VAL B 281 -23.23 -0.58 -2.08
N VAL B 282 -22.41 0.47 -2.12
CA VAL B 282 -21.15 0.49 -1.44
C VAL B 282 -21.40 0.95 0.00
N ILE B 283 -21.51 -0.03 0.88
CA ILE B 283 -21.91 0.21 2.26
C ILE B 283 -20.73 0.67 3.10
N SER B 284 -19.50 0.32 2.71
CA SER B 284 -18.37 0.57 3.58
C SER B 284 -17.16 1.02 2.77
N THR B 285 -16.43 2.01 3.27
CA THR B 285 -15.12 2.36 2.75
C THR B 285 -14.17 2.60 3.92
N ALA B 286 -12.88 2.35 3.66
CA ALA B 286 -11.80 2.60 4.60
C ALA B 286 -10.60 3.19 3.86
N CYS B 287 -9.78 3.98 4.56
CA CYS B 287 -8.57 4.55 3.99
C CYS B 287 -7.34 4.00 4.73
N HIS B 288 -6.37 3.47 3.96
CA HIS B 288 -5.15 2.88 4.53
C HIS B 288 -4.44 3.94 5.37
N PRO B 289 -3.88 3.59 6.53
CA PRO B 289 -3.29 4.59 7.41
C PRO B 289 -1.99 5.25 6.91
N THR B 290 -1.25 4.65 5.98
CA THR B 290 0.03 5.22 5.57
C THR B 290 0.19 5.23 4.06
N GLU B 291 -0.79 4.75 3.30
CA GLU B 291 -0.68 4.69 1.84
C GLU B 291 -2.02 5.08 1.20
N ASN B 292 -1.97 5.55 -0.05
CA ASN B 292 -3.16 5.90 -0.81
C ASN B 292 -3.85 4.63 -1.29
N ILE B 293 -4.53 3.97 -0.36
CA ILE B 293 -5.25 2.74 -0.66
C ILE B 293 -6.64 2.87 -0.04
N ILE B 294 -7.65 2.63 -0.87
CA ILE B 294 -9.04 2.59 -0.44
C ILE B 294 -9.52 1.15 -0.49
N ALA B 295 -10.19 0.72 0.60
CA ALA B 295 -11.00 -0.48 0.57
C ALA B 295 -12.46 -0.05 0.48
N SER B 296 -13.21 -0.76 -0.36
CA SER B 296 -14.64 -0.59 -0.49
C SER B 296 -15.29 -1.96 -0.44
N ALA B 297 -16.57 -1.99 -0.03
CA ALA B 297 -17.29 -3.24 0.13
C ALA B 297 -18.76 -2.99 -0.15
N ALA B 298 -19.45 -4.00 -0.66
CA ALA B 298 -20.80 -3.84 -1.17
C ALA B 298 -21.77 -4.87 -0.60
N LEU B 299 -23.06 -4.64 -0.84
CA LEU B 299 -24.13 -5.49 -0.36
C LEU B 299 -24.27 -6.71 -1.27
N GLU B 300 -25.35 -7.49 -1.06
CA GLU B 300 -25.39 -8.91 -1.35
C GLU B 300 -25.44 -9.23 -2.85
N ASN B 301 -25.77 -8.26 -3.70
CA ASN B 301 -25.65 -8.49 -5.12
C ASN B 301 -24.18 -8.58 -5.53
N ASP B 302 -23.29 -8.09 -4.67
CA ASP B 302 -21.89 -7.98 -5.02
C ASP B 302 -21.06 -8.87 -4.08
N LYS B 303 -21.09 -8.60 -2.76
CA LYS B 303 -20.44 -9.41 -1.75
C LYS B 303 -18.91 -9.38 -1.84
N THR B 304 -18.34 -8.46 -2.64
CA THR B 304 -16.89 -8.37 -2.74
C THR B 304 -16.38 -7.07 -2.11
N ILE B 305 -15.10 -7.13 -1.79
CA ILE B 305 -14.30 -6.00 -1.32
C ILE B 305 -13.34 -5.69 -2.46
N LYS B 306 -13.10 -4.40 -2.70
CA LYS B 306 -12.15 -3.98 -3.72
C LYS B 306 -11.10 -3.08 -3.09
N LEU B 307 -9.84 -3.23 -3.57
CA LEU B 307 -8.72 -2.41 -3.14
C LEU B 307 -8.29 -1.51 -4.31
N TRP B 308 -8.23 -0.20 -4.07
CA TRP B 308 -7.91 0.79 -5.07
C TRP B 308 -6.67 1.55 -4.63
N LYS B 309 -5.77 1.87 -5.58
CA LYS B 309 -4.53 2.58 -5.28
C LYS B 309 -4.34 3.79 -6.20
N SER B 310 -3.84 4.90 -5.64
CA SER B 310 -3.40 6.06 -6.42
C SER B 310 -1.95 6.40 -6.08
N ASP B 311 -1.32 7.24 -6.89
CA ASP B 311 0.01 7.75 -6.59
C ASP B 311 -0.07 9.04 -5.78
N CYS B 312 -1.23 9.73 -5.84
CA CYS B 312 -1.45 11.02 -5.20
C CYS B 312 -2.78 11.00 -4.43
#